data_2PFX
#
_entry.id   2PFX
#
_cell.length_a   85.069
_cell.length_b   85.069
_cell.length_c   105.616
_cell.angle_alpha   90.000
_cell.angle_beta   90.000
_cell.angle_gamma   120.000
#
_symmetry.space_group_name_H-M   'P 63'
#
loop_
_entity.id
_entity.type
_entity.pdbx_description
1 polymer 'Uncharacterized peroxidase-related protein'
2 non-polymer 'ACETATE ION'
3 non-polymer 'TETRAETHYLENE GLYCOL'
4 non-polymer 'CHLORIDE ION'
5 water water
#
_entity_poly.entity_id   1
_entity_poly.type   'polypeptide(L)'
_entity_poly.pdbx_seq_one_letter_code
;G(MSE)TKPKEPTALDLP(MSE)ADPLPDETQKYFEICQEKLG(MSE)VPNVLKAYAFNVEKLNAFTA(MSE)YNDL
(MSE)LGESQLSKLERE(MSE)IAVVVSSINKCFYCLVAHGAAVRQLSGDPQLGE(MSE)LV(MSE)NYRVAPLDARQRV
(MSE)LDFAAK(MSE)TRASAEIEEADREVLRSHGFNDRDIWDIANVTGFFN(MSE)TNRVASATA(MSE)(MSE)PNAE
YHGQFR
;
_entity_poly.pdbx_strand_id   A,B
#
loop_
_chem_comp.id
_chem_comp.type
_chem_comp.name
_chem_comp.formula
ACT non-polymer 'ACETATE ION' 'C2 H3 O2 -1'
CL non-polymer 'CHLORIDE ION' 'Cl -1'
PG4 non-polymer 'TETRAETHYLENE GLYCOL' 'C8 H18 O5'
#
# COMPACT_ATOMS: atom_id res chain seq x y z
N GLY A 1 6.37 26.85 3.41
CA GLY A 1 6.21 28.06 4.25
C GLY A 1 7.33 28.17 5.28
N MSE A 2 7.79 29.38 5.57
CA MSE A 2 8.90 29.51 6.52
C MSE A 2 8.41 29.45 7.95
O MSE A 2 8.67 30.35 8.75
CB MSE A 2 9.71 30.80 6.28
CG MSE A 2 11.19 30.59 6.60
SE MSE A 2 12.19 32.25 6.73
CE MSE A 2 10.83 33.06 7.87
N THR A 3 7.71 28.37 8.28
CA THR A 3 7.26 28.03 9.63
C THR A 3 7.61 26.57 9.92
N LYS A 4 8.10 26.26 11.12
CA LYS A 4 8.53 24.89 11.43
C LYS A 4 7.40 23.91 11.15
N PRO A 5 7.64 22.87 10.35
CA PRO A 5 6.53 21.98 9.99
C PRO A 5 5.88 21.37 11.22
N LYS A 6 4.56 21.27 11.12
CA LYS A 6 3.80 20.52 12.11
C LYS A 6 4.20 19.04 12.03
N GLU A 7 4.23 18.45 13.21
CA GLU A 7 4.38 17.04 13.48
C GLU A 7 3.18 16.52 14.23
N PRO A 8 2.86 15.25 14.04
CA PRO A 8 3.58 14.41 13.08
C PRO A 8 3.16 14.62 11.62
N THR A 9 2.00 15.17 11.32
CA THR A 9 1.59 15.55 9.98
C THR A 9 1.08 17.00 9.97
N ALA A 10 0.72 17.48 8.81
CA ALA A 10 0.09 18.80 8.71
C ALA A 10 -1.41 18.74 8.97
N LEU A 11 -1.96 17.56 9.24
CA LEU A 11 -3.38 17.43 9.55
C LEU A 11 -3.69 17.63 11.02
N ASP A 12 -4.82 18.29 11.30
CA ASP A 12 -5.21 18.39 12.71
C ASP A 12 -5.95 17.09 13.04
N LEU A 13 -5.18 16.13 13.54
CA LEU A 13 -5.74 14.82 13.85
C LEU A 13 -5.21 14.43 15.25
N PRO A 14 -5.75 15.05 16.29
CA PRO A 14 -5.28 14.80 17.67
C PRO A 14 -5.38 13.32 18.08
N MSE A 15 -4.47 12.89 18.95
CA MSE A 15 -4.20 11.54 19.40
C MSE A 15 -5.11 10.92 20.46
O MSE A 15 -5.43 9.72 20.34
CB MSE A 15 -2.77 11.47 20.02
CG MSE A 15 -1.99 10.34 19.38
SE MSE A 15 -0.09 10.39 19.69
CE MSE A 15 0.19 11.89 18.52
N ALA A 16 -5.51 11.60 21.50
CA ALA A 16 -5.28 12.96 21.93
C ALA A 16 -4.66 12.94 23.33
N ASP A 17 -4.81 13.95 24.16
CA ASP A 17 -4.07 14.22 25.37
C ASP A 17 -3.93 13.00 26.26
N PRO A 18 -4.87 12.50 27.03
CA PRO A 18 -4.45 11.27 27.76
C PRO A 18 -4.52 10.11 26.79
N LEU A 19 -3.38 9.55 26.37
CA LEU A 19 -3.56 8.39 25.49
C LEU A 19 -4.26 7.24 26.22
N PRO A 20 -4.99 6.42 25.47
CA PRO A 20 -5.48 5.17 26.04
C PRO A 20 -4.27 4.42 26.60
N ASP A 21 -4.48 3.75 27.72
CA ASP A 21 -3.39 3.08 28.39
C ASP A 21 -2.63 2.14 27.46
N GLU A 22 -3.34 1.35 26.66
CA GLU A 22 -2.63 0.42 25.78
C GLU A 22 -1.76 1.09 24.74
N THR A 23 -2.13 2.28 24.29
CA THR A 23 -1.31 2.99 23.30
C THR A 23 -0.12 3.66 23.95
N GLN A 24 -0.34 4.22 25.14
CA GLN A 24 0.71 4.74 25.98
C GLN A 24 1.81 3.70 26.27
N LYS A 25 1.36 2.51 26.66
CA LYS A 25 2.22 1.37 26.92
C LYS A 25 3.05 0.99 25.69
N TYR A 26 2.36 0.97 24.55
CA TYR A 26 2.99 0.57 23.30
C TYR A 26 4.09 1.56 22.96
N PHE A 27 3.77 2.83 23.17
CA PHE A 27 4.75 3.86 22.87
C PHE A 27 5.92 3.79 23.82
N GLU A 28 5.69 3.36 25.05
CA GLU A 28 6.85 3.20 25.94
C GLU A 28 7.81 2.14 25.40
N ILE A 29 7.16 1.12 24.85
CA ILE A 29 7.94 0.01 24.30
C ILE A 29 8.74 0.46 23.08
N CYS A 30 8.14 1.21 22.16
CA CYS A 30 8.85 1.73 20.99
C CYS A 30 10.06 2.55 21.38
N GLN A 31 9.82 3.45 22.35
CA GLN A 31 10.85 4.37 22.84
C GLN A 31 12.05 3.59 23.32
N GLU A 32 11.73 2.49 24.00
CA GLU A 32 12.77 1.61 24.51
C GLU A 32 13.47 0.90 23.36
N LYS A 33 12.72 0.33 22.42
CA LYS A 33 13.25 -0.49 21.33
C LYS A 33 14.01 0.33 20.30
N LEU A 34 13.51 1.54 20.05
CA LEU A 34 13.86 2.43 18.96
C LEU A 34 14.58 3.71 19.35
N GLY A 35 14.51 4.08 20.63
CA GLY A 35 15.07 5.34 21.07
C GLY A 35 14.16 6.50 20.82
N MSE A 36 13.01 6.23 20.21
CA MSE A 36 12.08 7.26 19.82
C MSE A 36 10.70 6.63 19.62
O MSE A 36 10.61 5.40 19.58
CB MSE A 36 12.51 7.90 18.49
CG MSE A 36 12.41 6.93 17.31
SE MSE A 36 12.89 7.59 15.57
CE MSE A 36 14.69 8.00 16.02
N VAL A 37 9.71 7.50 19.46
CA VAL A 37 8.42 7.06 18.91
C VAL A 37 8.27 7.57 17.49
N PRO A 38 8.40 6.68 16.52
CA PRO A 38 8.29 7.11 15.12
C PRO A 38 6.98 7.84 14.86
N ASN A 39 7.13 8.95 14.15
CA ASN A 39 5.97 9.82 13.91
C ASN A 39 4.87 9.19 13.10
N VAL A 40 5.16 8.22 12.21
CA VAL A 40 4.08 7.53 11.54
C VAL A 40 3.15 6.86 12.54
N LEU A 41 3.73 6.36 13.64
CA LEU A 41 2.85 5.73 14.62
C LEU A 41 1.98 6.76 15.34
N LYS A 42 2.56 7.92 15.65
CA LYS A 42 1.74 8.97 16.26
C LYS A 42 0.63 9.39 15.32
N ALA A 43 0.88 9.27 14.03
CA ALA A 43 -0.10 9.68 13.04
C ALA A 43 -1.33 8.77 13.09
N TYR A 44 -1.09 7.48 13.25
CA TYR A 44 -2.19 6.52 13.29
C TYR A 44 -2.81 6.39 14.66
N ALA A 45 -2.10 6.90 15.66
CA ALA A 45 -2.50 6.72 17.05
C ALA A 45 -3.76 7.44 17.48
N PHE A 46 -4.40 8.25 16.65
CA PHE A 46 -5.68 8.80 17.04
C PHE A 46 -6.77 7.74 17.12
N ASN A 47 -6.51 6.59 16.51
CA ASN A 47 -7.49 5.50 16.50
C ASN A 47 -6.77 4.16 16.64
N VAL A 48 -6.95 3.45 17.76
CA VAL A 48 -6.05 2.31 17.97
C VAL A 48 -6.29 1.18 16.97
N GLU A 49 -7.50 1.08 16.44
CA GLU A 49 -7.80 0.08 15.43
C GLU A 49 -6.97 0.31 14.18
N LYS A 50 -6.84 1.58 13.81
CA LYS A 50 -6.05 1.94 12.66
C LYS A 50 -4.58 1.67 12.91
N LEU A 51 -4.11 2.02 14.09
CA LEU A 51 -2.71 1.78 14.47
C LEU A 51 -2.39 0.30 14.46
N ASN A 52 -3.33 -0.48 14.99
CA ASN A 52 -3.21 -1.92 15.02
C ASN A 52 -3.08 -2.53 13.63
N ALA A 53 -3.89 -2.05 12.69
CA ALA A 53 -3.89 -2.61 11.33
C ALA A 53 -2.64 -2.24 10.55
N PHE A 54 -2.20 -1.00 10.83
CA PHE A 54 -1.01 -0.48 10.18
C PHE A 54 0.20 -1.30 10.63
N THR A 55 0.33 -1.36 11.94
CA THR A 55 1.49 -2.02 12.54
C THR A 55 1.47 -3.52 12.27
N ALA A 56 0.29 -4.13 12.26
CA ALA A 56 0.28 -5.57 11.99
C ALA A 56 0.87 -5.87 10.62
N MSE A 57 0.51 -5.01 9.66
CA MSE A 57 0.99 -5.21 8.31
C MSE A 57 2.47 -4.86 8.22
O MSE A 57 3.22 -5.64 7.65
CB MSE A 57 0.18 -4.35 7.34
CG MSE A 57 0.67 -4.53 5.92
SE MSE A 57 -0.44 -3.76 4.58
CE MSE A 57 -1.85 -5.04 4.85
N TYR A 58 2.87 -3.69 8.76
CA TYR A 58 4.29 -3.34 8.73
C TYR A 58 5.12 -4.48 9.31
N ASN A 59 4.75 -4.98 10.48
CA ASN A 59 5.61 -5.96 11.15
C ASN A 59 5.74 -7.23 10.31
N ASP A 60 4.61 -7.69 9.82
CA ASP A 60 4.63 -8.95 9.06
C ASP A 60 5.57 -8.80 7.87
N LEU A 61 5.38 -7.69 7.14
CA LEU A 61 6.18 -7.50 5.93
CA LEU A 61 6.17 -7.56 5.93
C LEU A 61 7.65 -7.24 6.17
N MSE A 62 7.94 -6.42 7.17
CA MSE A 62 9.30 -5.98 7.41
C MSE A 62 10.07 -6.87 8.37
O MSE A 62 11.31 -6.99 8.27
CB MSE A 62 9.29 -4.54 7.95
CG MSE A 62 8.78 -3.53 6.95
SE MSE A 62 9.45 -3.65 5.14
CE MSE A 62 11.05 -2.74 5.61
N LEU A 63 9.34 -7.47 9.31
CA LEU A 63 10.04 -8.24 10.33
C LEU A 63 9.65 -9.68 10.39
N GLY A 64 8.55 -10.04 9.76
CA GLY A 64 8.13 -11.43 9.81
C GLY A 64 8.97 -12.33 8.92
N GLU A 65 8.67 -13.63 8.97
CA GLU A 65 9.48 -14.58 8.23
C GLU A 65 9.45 -14.23 6.75
N SER A 66 10.63 -14.40 6.16
CA SER A 66 10.86 -14.23 4.75
C SER A 66 12.28 -14.66 4.43
N GLN A 67 12.53 -15.12 3.22
CA GLN A 67 13.94 -15.42 2.91
CA GLN A 67 13.86 -15.45 2.74
C GLN A 67 14.65 -14.21 2.34
N LEU A 68 13.93 -13.10 2.28
CA LEU A 68 14.47 -11.76 2.08
C LEU A 68 15.02 -11.30 3.42
N SER A 69 16.25 -10.84 3.52
CA SER A 69 16.70 -10.35 4.82
C SER A 69 15.93 -9.11 5.27
N LYS A 70 16.09 -8.77 6.55
CA LYS A 70 15.54 -7.49 6.98
C LYS A 70 16.10 -6.33 6.15
N LEU A 71 17.41 -6.33 5.94
CA LEU A 71 18.11 -5.31 5.17
C LEU A 71 17.56 -5.23 3.76
N GLU A 72 17.39 -6.41 3.16
CA GLU A 72 16.91 -6.44 1.79
C GLU A 72 15.56 -5.73 1.66
N ARG A 73 14.70 -5.95 2.65
CA ARG A 73 13.37 -5.32 2.62
C ARG A 73 13.48 -3.83 2.85
N GLU A 74 14.42 -3.45 3.70
CA GLU A 74 14.67 -2.01 3.89
C GLU A 74 15.24 -1.38 2.62
N MSE A 75 16.05 -2.13 1.88
CA MSE A 75 16.59 -1.62 0.63
C MSE A 75 15.48 -1.37 -0.38
O MSE A 75 15.46 -0.39 -1.12
CB MSE A 75 17.63 -2.62 0.10
CG MSE A 75 18.90 -2.64 0.95
SE MSE A 75 20.03 -4.13 0.39
CE MSE A 75 20.78 -3.07 -1.01
N ILE A 76 14.51 -2.25 -0.42
CA ILE A 76 13.38 -2.10 -1.31
C ILE A 76 12.63 -0.84 -0.92
N ALA A 77 12.46 -0.70 0.39
CA ALA A 77 11.71 0.46 0.87
C ALA A 77 12.29 1.77 0.39
N VAL A 78 13.61 1.89 0.50
CA VAL A 78 14.30 3.12 0.12
C VAL A 78 14.27 3.36 -1.38
N VAL A 79 14.41 2.31 -2.17
CA VAL A 79 14.35 2.51 -3.62
C VAL A 79 12.95 2.96 -4.02
N VAL A 80 11.90 2.34 -3.51
CA VAL A 80 10.53 2.81 -3.74
C VAL A 80 10.42 4.27 -3.33
N SER A 81 10.85 4.61 -2.11
CA SER A 81 10.75 5.97 -1.61
C SER A 81 11.48 7.00 -2.43
N SER A 82 12.63 6.57 -2.98
CA SER A 82 13.42 7.48 -3.79
C SER A 82 12.64 7.83 -5.06
N ILE A 83 12.03 6.82 -5.69
CA ILE A 83 11.30 7.05 -6.89
C ILE A 83 10.07 7.94 -6.64
N ASN A 84 9.43 7.73 -5.50
CA ASN A 84 8.30 8.57 -5.15
C ASN A 84 8.67 9.86 -4.42
N LYS A 85 9.93 10.06 -4.15
CA LYS A 85 10.44 11.27 -3.49
C LYS A 85 9.70 11.58 -2.20
N CYS A 86 9.56 10.51 -1.40
CA CYS A 86 8.96 10.57 -0.10
C CYS A 86 9.96 10.90 1.00
N PHE A 87 9.97 12.15 1.44
CA PHE A 87 10.86 12.61 2.51
C PHE A 87 10.81 11.77 3.77
N TYR A 88 9.62 11.50 4.32
CA TYR A 88 9.48 10.76 5.56
C TYR A 88 10.26 9.45 5.44
N CYS A 89 9.89 8.72 4.40
CA CYS A 89 10.29 7.33 4.28
C CYS A 89 11.75 7.26 3.90
N LEU A 90 12.21 8.25 3.13
CA LEU A 90 13.62 8.27 2.72
C LEU A 90 14.50 8.47 3.95
N VAL A 91 14.00 9.30 4.85
CA VAL A 91 14.74 9.54 6.10
C VAL A 91 14.68 8.34 7.03
N ALA A 92 13.47 7.82 7.24
CA ALA A 92 13.29 6.74 8.19
C ALA A 92 13.99 5.46 7.72
N HIS A 93 13.78 5.11 6.44
CA HIS A 93 14.26 3.82 5.94
C HIS A 93 15.69 3.93 5.44
N GLY A 94 16.09 5.11 5.00
CA GLY A 94 17.48 5.41 4.76
C GLY A 94 18.35 5.08 5.98
N ALA A 95 17.93 5.51 7.15
CA ALA A 95 18.57 5.26 8.44
C ALA A 95 18.66 3.77 8.69
N ALA A 96 17.54 3.10 8.43
CA ALA A 96 17.46 1.65 8.62
C ALA A 96 18.48 0.91 7.76
N VAL A 97 18.61 1.30 6.50
CA VAL A 97 19.65 0.71 5.66
C VAL A 97 21.04 1.04 6.20
N ARG A 98 21.29 2.27 6.65
CA ARG A 98 22.63 2.59 7.16
C ARG A 98 22.91 1.71 8.39
N GLN A 99 21.91 1.55 9.25
CA GLN A 99 22.01 0.75 10.45
C GLN A 99 22.29 -0.72 10.14
N LEU A 100 21.42 -1.35 9.36
CA LEU A 100 21.45 -2.79 9.17
C LEU A 100 22.62 -3.24 8.31
N SER A 101 23.17 -2.34 7.50
CA SER A 101 24.28 -2.74 6.65
C SER A 101 25.63 -2.32 7.22
N GLY A 102 25.56 -1.38 8.16
CA GLY A 102 26.71 -0.73 8.77
C GLY A 102 27.53 0.06 7.78
N ASP A 103 26.90 0.59 6.75
CA ASP A 103 27.44 1.17 5.54
C ASP A 103 26.62 2.40 5.16
N PRO A 104 26.98 3.55 5.73
CA PRO A 104 26.27 4.79 5.42
C PRO A 104 26.22 5.07 3.92
N GLN A 105 27.29 4.73 3.20
CA GLN A 105 27.31 5.00 1.75
CA GLN A 105 27.32 5.00 1.76
C GLN A 105 26.25 4.22 1.00
N LEU A 106 25.95 3.01 1.45
CA LEU A 106 24.90 2.25 0.78
C LEU A 106 23.55 2.95 0.96
N GLY A 107 23.29 3.44 2.17
CA GLY A 107 22.03 4.18 2.35
C GLY A 107 21.91 5.37 1.43
N GLU A 108 23.04 6.06 1.24
CA GLU A 108 22.97 7.27 0.42
C GLU A 108 22.73 6.93 -1.03
N MSE A 109 23.43 5.90 -1.46
CA MSE A 109 23.27 5.41 -2.83
C MSE A 109 21.83 5.04 -3.12
O MSE A 109 21.33 5.38 -4.17
CB MSE A 109 24.20 4.21 -3.09
CG MSE A 109 25.66 4.58 -3.21
SE MSE A 109 26.74 2.95 -3.17
CE MSE A 109 28.16 3.73 -4.19
N LEU A 110 21.16 4.34 -2.22
CA LEU A 110 19.80 3.89 -2.49
C LEU A 110 18.84 5.08 -2.45
N VAL A 111 19.18 6.04 -1.58
CA VAL A 111 18.30 7.21 -1.47
C VAL A 111 18.37 8.03 -2.75
N MSE A 112 19.57 8.14 -3.33
CA MSE A 112 19.86 8.99 -4.46
C MSE A 112 19.75 8.36 -5.83
O MSE A 112 19.08 8.87 -6.73
CB MSE A 112 21.28 9.55 -4.30
CG MSE A 112 21.42 10.40 -3.01
SE MSE A 112 23.25 10.79 -2.66
CE MSE A 112 22.95 12.06 -1.24
N ASN A 113 20.42 7.26 -6.07
CA ASN A 113 20.26 6.58 -7.37
C ASN A 113 20.76 5.15 -7.19
N TYR A 114 19.87 4.20 -6.97
CA TYR A 114 20.31 2.87 -6.55
C TYR A 114 21.20 2.18 -7.57
N ARG A 115 21.09 2.63 -8.81
CA ARG A 115 21.80 1.98 -9.89
C ARG A 115 23.30 2.09 -9.78
N VAL A 116 23.76 3.02 -8.93
CA VAL A 116 25.20 3.20 -8.81
C VAL A 116 25.77 2.21 -7.81
N ALA A 117 24.92 1.53 -7.06
CA ALA A 117 25.44 0.71 -5.98
C ALA A 117 26.06 -0.59 -6.54
N PRO A 118 27.22 -0.98 -6.03
CA PRO A 118 27.85 -2.23 -6.52
C PRO A 118 27.28 -3.43 -5.81
N LEU A 119 26.06 -3.77 -6.22
CA LEU A 119 25.33 -4.86 -5.61
C LEU A 119 25.56 -6.16 -6.38
N ASP A 120 25.36 -7.27 -5.67
CA ASP A 120 25.30 -8.51 -6.43
C ASP A 120 24.01 -8.53 -7.26
N ALA A 121 23.98 -9.41 -8.26
CA ALA A 121 22.87 -9.42 -9.20
C ALA A 121 21.53 -9.71 -8.52
N ARG A 122 21.57 -10.61 -7.56
CA ARG A 122 20.35 -10.94 -6.82
C ARG A 122 19.71 -9.67 -6.24
N GLN A 123 20.51 -8.87 -5.56
CA GLN A 123 19.92 -7.68 -4.95
C GLN A 123 19.57 -6.67 -6.02
N ARG A 124 20.42 -6.61 -7.06
CA ARG A 124 20.09 -5.60 -8.08
C ARG A 124 18.81 -5.94 -8.78
N VAL A 125 18.54 -7.20 -9.16
CA VAL A 125 17.30 -7.46 -9.89
C VAL A 125 16.08 -7.33 -8.97
N MSE A 126 16.26 -7.61 -7.69
CA MSE A 126 15.24 -7.36 -6.69
C MSE A 126 14.81 -5.90 -6.72
O MSE A 126 13.62 -5.57 -6.79
CB MSE A 126 15.77 -7.78 -5.33
CG MSE A 126 14.80 -7.58 -4.19
SE MSE A 126 15.64 -7.87 -2.50
CE MSE A 126 16.69 -6.27 -2.53
N LEU A 127 15.78 -5.01 -6.69
CA LEU A 127 15.47 -3.58 -6.77
C LEU A 127 14.95 -3.11 -8.11
N ASP A 128 15.42 -3.66 -9.21
CA ASP A 128 14.91 -3.31 -10.52
C ASP A 128 13.42 -3.67 -10.67
N PHE A 129 13.04 -4.82 -10.13
CA PHE A 129 11.65 -5.25 -10.12
C PHE A 129 10.77 -4.31 -9.28
N ALA A 130 11.26 -3.96 -8.11
CA ALA A 130 10.54 -3.02 -7.24
C ALA A 130 10.36 -1.70 -7.97
N ALA A 131 11.40 -1.24 -8.65
CA ALA A 131 11.39 -0.01 -9.43
C ALA A 131 10.37 -0.06 -10.55
N LYS A 132 10.37 -1.18 -11.26
CA LYS A 132 9.40 -1.33 -12.34
C LYS A 132 7.97 -1.42 -11.82
N MSE A 133 7.76 -2.06 -10.68
CA MSE A 133 6.46 -2.08 -10.03
C MSE A 133 6.03 -0.68 -9.61
O MSE A 133 4.86 -0.31 -9.66
CB MSE A 133 6.54 -2.92 -8.76
CG MSE A 133 6.41 -4.42 -8.96
SE MSE A 133 6.44 -5.39 -7.35
CE MSE A 133 4.81 -4.71 -6.64
N THR A 134 7.02 0.11 -9.21
CA THR A 134 6.73 1.44 -8.69
C THR A 134 6.34 2.37 -9.84
N ARG A 135 7.07 2.28 -10.96
CA ARG A 135 6.75 3.11 -12.12
C ARG A 135 5.68 2.57 -13.06
N ALA A 136 5.55 1.26 -13.18
CA ALA A 136 4.72 0.71 -14.26
C ALA A 136 4.34 -0.72 -13.98
N SER A 137 3.64 -0.90 -12.87
CA SER A 137 3.27 -2.26 -12.51
C SER A 137 2.46 -2.98 -13.58
N ALA A 138 1.68 -2.24 -14.38
CA ALA A 138 0.84 -2.87 -15.39
C ALA A 138 1.67 -3.55 -16.48
N GLU A 139 2.93 -3.17 -16.58
CA GLU A 139 3.81 -3.70 -17.60
C GLU A 139 4.65 -4.86 -17.10
N ILE A 140 4.48 -5.29 -15.87
CA ILE A 140 5.24 -6.45 -15.40
CA ILE A 140 5.21 -6.45 -15.37
C ILE A 140 4.69 -7.70 -16.07
N GLU A 141 5.62 -8.52 -16.57
CA GLU A 141 5.31 -9.74 -17.30
C GLU A 141 5.98 -10.99 -16.70
N GLU A 142 5.55 -12.13 -17.22
CA GLU A 142 6.13 -13.38 -16.74
C GLU A 142 7.65 -13.35 -16.86
N ALA A 143 8.21 -12.77 -17.92
CA ALA A 143 9.65 -12.73 -18.07
C ALA A 143 10.34 -11.93 -16.96
N ASP A 144 9.65 -10.89 -16.43
CA ASP A 144 10.20 -10.15 -15.30
C ASP A 144 10.27 -11.02 -14.05
N ARG A 145 9.25 -11.83 -13.82
CA ARG A 145 9.27 -12.75 -12.70
C ARG A 145 10.35 -13.82 -12.90
N GLU A 146 10.59 -14.21 -14.14
CA GLU A 146 11.60 -15.25 -14.36
C GLU A 146 13.00 -14.71 -14.11
N VAL A 147 13.17 -13.41 -14.34
CA VAL A 147 14.48 -12.82 -14.03
C VAL A 147 14.80 -13.01 -12.55
N LEU A 148 13.79 -12.78 -11.70
CA LEU A 148 13.98 -12.99 -10.28
C LEU A 148 14.32 -14.44 -9.95
N ARG A 149 13.59 -15.38 -10.58
CA ARG A 149 13.91 -16.78 -10.35
CA ARG A 149 13.89 -16.79 -10.39
C ARG A 149 15.31 -17.15 -10.83
N SER A 150 15.75 -16.50 -11.89
CA SER A 150 17.08 -16.72 -12.45
CA SER A 150 17.09 -16.71 -12.46
C SER A 150 18.20 -16.27 -11.53
N HIS A 151 17.85 -15.52 -10.49
CA HIS A 151 18.83 -15.14 -9.50
C HIS A 151 18.50 -15.63 -8.09
N GLY A 152 17.69 -16.67 -8.00
CA GLY A 152 17.56 -17.46 -6.80
C GLY A 152 16.31 -17.18 -5.99
N PHE A 153 15.45 -16.27 -6.43
CA PHE A 153 14.19 -16.07 -5.71
C PHE A 153 13.14 -17.10 -6.12
N ASN A 154 12.48 -17.69 -5.14
CA ASN A 154 11.35 -18.55 -5.45
C ASN A 154 10.05 -17.73 -5.46
N ASP A 155 8.92 -18.41 -5.63
CA ASP A 155 7.68 -17.65 -5.87
C ASP A 155 7.20 -17.00 -4.57
N ARG A 156 7.51 -17.62 -3.45
CA ARG A 156 7.16 -16.97 -2.19
C ARG A 156 7.98 -15.70 -2.05
N ASP A 157 9.24 -15.74 -2.47
CA ASP A 157 10.09 -14.57 -2.39
C ASP A 157 9.54 -13.43 -3.25
N ILE A 158 9.12 -13.77 -4.46
CA ILE A 158 8.56 -12.78 -5.38
C ILE A 158 7.33 -12.14 -4.77
N TRP A 159 6.48 -12.96 -4.15
CA TRP A 159 5.31 -12.44 -3.43
C TRP A 159 5.71 -11.42 -2.34
N ASP A 160 6.74 -11.77 -1.58
CA ASP A 160 7.27 -10.86 -0.58
C ASP A 160 7.82 -9.59 -1.20
N ILE A 161 8.54 -9.70 -2.32
CA ILE A 161 9.08 -8.47 -2.91
C ILE A 161 7.95 -7.56 -3.36
N ALA A 162 6.93 -8.18 -3.96
CA ALA A 162 5.76 -7.44 -4.42
C ALA A 162 5.04 -6.78 -3.24
N ASN A 163 4.91 -7.47 -2.13
CA ASN A 163 4.12 -6.86 -1.04
C ASN A 163 4.90 -5.75 -0.35
N VAL A 164 6.20 -5.94 -0.14
CA VAL A 164 7.00 -4.89 0.45
C VAL A 164 6.96 -3.67 -0.46
N THR A 165 7.19 -3.88 -1.75
CA THR A 165 7.16 -2.82 -2.73
C THR A 165 5.81 -2.10 -2.72
N GLY A 166 4.71 -2.84 -2.82
CA GLY A 166 3.38 -2.24 -2.79
C GLY A 166 3.13 -1.47 -1.51
N PHE A 167 3.55 -2.03 -0.38
CA PHE A 167 3.37 -1.36 0.90
C PHE A 167 4.00 0.02 0.91
N PHE A 168 5.23 0.19 0.40
CA PHE A 168 5.83 1.53 0.44
C PHE A 168 5.21 2.43 -0.59
N ASN A 169 4.61 1.84 -1.63
CA ASN A 169 3.85 2.69 -2.55
C ASN A 169 2.59 3.25 -1.85
N MSE A 170 2.14 2.58 -0.80
CA MSE A 170 1.04 3.08 0.02
C MSE A 170 1.60 4.13 0.98
O MSE A 170 1.15 5.28 1.00
CB MSE A 170 0.30 2.02 0.82
CG MSE A 170 -0.62 2.55 1.93
SE MSE A 170 -1.54 1.09 2.81
CE MSE A 170 -0.03 0.77 3.96
N THR A 171 2.59 3.72 1.76
CA THR A 171 3.01 4.59 2.85
C THR A 171 3.68 5.83 2.31
N ASN A 172 4.40 5.75 1.19
CA ASN A 172 4.93 7.00 0.63
C ASN A 172 3.83 8.00 0.32
N ARG A 173 2.72 7.49 -0.20
CA ARG A 173 1.64 8.39 -0.67
C ARG A 173 0.94 9.03 0.50
N VAL A 174 0.72 8.19 1.53
CA VAL A 174 0.07 8.74 2.73
C VAL A 174 0.97 9.79 3.36
N ALA A 175 2.26 9.46 3.47
CA ALA A 175 3.16 10.39 4.15
C ALA A 175 3.27 11.69 3.39
N SER A 176 3.48 11.58 2.08
CA SER A 176 3.66 12.80 1.30
C SER A 176 2.35 13.57 1.24
N ALA A 177 1.22 12.90 1.11
CA ALA A 177 -0.02 13.66 0.99
C ALA A 177 -0.38 14.39 2.27
N THR A 178 0.08 13.89 3.42
CA THR A 178 -0.28 14.53 4.68
C THR A 178 0.81 15.40 5.28
N ALA A 179 1.91 15.54 4.56
CA ALA A 179 3.09 16.24 5.00
C ALA A 179 3.59 15.66 6.32
N MSE A 180 3.68 14.33 6.34
CA MSE A 180 4.19 13.60 7.50
C MSE A 180 5.68 13.86 7.68
O MSE A 180 6.49 13.74 6.75
CB MSE A 180 3.94 12.10 7.33
CG MSE A 180 4.20 11.31 8.61
SE MSE A 180 3.92 9.46 8.28
CE MSE A 180 2.02 9.55 8.17
N MSE A 181 6.05 14.22 8.91
N MSE A 181 6.06 14.24 8.90
CA MSE A 181 7.44 14.63 9.12
CA MSE A 181 7.45 14.64 9.13
C MSE A 181 8.25 13.57 9.84
C MSE A 181 8.25 13.56 9.83
O MSE A 181 7.85 13.06 10.89
O MSE A 181 7.83 13.02 10.86
CB MSE A 181 7.44 15.93 9.91
CB MSE A 181 7.41 15.90 9.98
CG MSE A 181 7.13 17.15 9.06
CG MSE A 181 7.19 17.19 9.21
SE MSE A 181 8.36 17.46 7.62
SE MSE A 181 8.83 17.63 8.30
CE MSE A 181 9.80 17.88 8.84
CE MSE A 181 8.01 17.13 6.61
N PRO A 182 9.43 13.22 9.31
CA PRO A 182 10.25 12.26 10.07
C PRO A 182 10.89 12.84 11.32
N ASN A 183 11.05 11.97 12.33
CA ASN A 183 11.64 12.32 13.60
C ASN A 183 13.03 12.88 13.37
N ALA A 184 13.32 13.99 14.02
CA ALA A 184 14.59 14.67 13.75
C ALA A 184 15.78 13.78 14.05
N GLU A 185 15.61 12.82 14.94
CA GLU A 185 16.72 11.99 15.38
C GLU A 185 17.29 11.15 14.25
N TYR A 186 16.45 10.79 13.28
CA TYR A 186 16.94 9.91 12.22
C TYR A 186 18.14 10.42 11.45
N HIS A 187 18.19 11.72 11.21
CA HIS A 187 19.08 12.29 10.22
C HIS A 187 20.53 12.01 10.56
N GLY A 188 20.87 12.10 11.84
CA GLY A 188 22.25 11.99 12.24
C GLY A 188 22.72 10.61 12.63
N GLN A 189 21.84 9.63 12.53
CA GLN A 189 22.09 8.28 12.97
C GLN A 189 22.87 7.46 11.96
N PHE A 190 23.78 6.64 12.47
CA PHE A 190 24.42 5.65 11.62
C PHE A 190 25.14 6.29 10.46
N ARG A 191 25.83 7.40 10.74
CA ARG A 191 26.59 8.08 9.71
C ARG A 191 28.06 7.68 9.66
N GLY B 1 0.36 -16.69 -21.95
CA GLY B 1 0.24 -16.66 -23.41
C GLY B 1 -1.11 -17.17 -23.86
N MSE B 2 -1.16 -17.96 -24.94
CA MSE B 2 -2.44 -18.54 -25.31
C MSE B 2 -2.70 -19.84 -24.52
O MSE B 2 -2.76 -20.92 -25.09
CB MSE B 2 -2.59 -18.82 -26.81
CG MSE B 2 -4.05 -18.53 -27.21
SE MSE B 2 -4.63 -18.99 -28.98
CE MSE B 2 -3.39 -20.43 -29.21
N THR B 3 -2.84 -19.62 -23.23
CA THR B 3 -3.03 -20.57 -22.15
C THR B 3 -3.94 -20.00 -21.09
N LYS B 4 -4.78 -20.77 -20.41
CA LYS B 4 -5.69 -20.13 -19.46
C LYS B 4 -4.89 -19.51 -18.32
N PRO B 5 -5.15 -18.25 -17.98
CA PRO B 5 -4.40 -17.65 -16.87
C PRO B 5 -4.60 -18.44 -15.59
N LYS B 6 -3.50 -18.64 -14.89
CA LYS B 6 -3.53 -19.27 -13.60
C LYS B 6 -4.26 -18.33 -12.61
N GLU B 7 -4.94 -19.00 -11.69
CA GLU B 7 -5.63 -18.41 -10.56
C GLU B 7 -5.14 -19.02 -9.28
N PRO B 8 -5.15 -18.25 -8.20
CA PRO B 8 -5.55 -16.85 -8.22
C PRO B 8 -4.49 -15.89 -8.76
N THR B 9 -3.22 -16.28 -8.81
CA THR B 9 -2.13 -15.52 -9.39
C THR B 9 -1.25 -16.45 -10.23
N ALA B 10 -0.28 -15.88 -10.90
CA ALA B 10 0.62 -16.73 -11.70
C ALA B 10 1.77 -17.28 -10.86
N LEU B 11 1.72 -17.09 -9.55
CA LEU B 11 2.72 -17.64 -8.64
C LEU B 11 2.27 -18.97 -8.08
N ASP B 12 3.24 -19.86 -7.87
CA ASP B 12 2.86 -21.14 -7.25
C ASP B 12 2.96 -20.97 -5.75
N LEU B 13 1.85 -20.60 -5.15
CA LEU B 13 1.68 -20.27 -3.75
C LEU B 13 0.49 -21.05 -3.20
N PRO B 14 0.60 -22.37 -3.15
CA PRO B 14 -0.46 -23.26 -2.68
C PRO B 14 -1.00 -22.85 -1.30
N MSE B 15 -2.29 -23.07 -1.07
CA MSE B 15 -3.01 -22.64 0.10
C MSE B 15 -2.82 -23.37 1.42
O MSE B 15 -2.53 -22.70 2.43
CB MSE B 15 -4.54 -22.65 -0.20
CG MSE B 15 -5.21 -21.34 0.16
SE MSE B 15 -6.74 -20.87 -0.88
CE MSE B 15 -8.06 -21.63 0.21
N ALA B 16 -2.95 -24.67 1.53
CA ALA B 16 -3.38 -25.68 0.60
C ALA B 16 -4.67 -26.33 1.14
N ASP B 17 -5.21 -27.25 0.38
CA ASP B 17 -6.50 -27.89 0.46
C ASP B 17 -7.02 -28.04 1.87
N PRO B 18 -6.56 -28.88 2.78
CA PRO B 18 -7.21 -28.78 4.12
C PRO B 18 -6.80 -27.46 4.74
N LEU B 19 -7.72 -26.50 4.55
CA LEU B 19 -7.41 -25.18 5.07
C LEU B 19 -7.48 -25.18 6.58
N PRO B 20 -6.71 -24.28 7.16
CA PRO B 20 -6.87 -24.04 8.60
C PRO B 20 -8.34 -23.66 8.84
N ASP B 21 -8.84 -24.15 9.96
CA ASP B 21 -10.25 -23.99 10.29
C ASP B 21 -10.71 -22.56 10.19
N GLU B 22 -9.88 -21.63 10.68
CA GLU B 22 -10.38 -20.24 10.72
C GLU B 22 -10.48 -19.65 9.32
N THR B 23 -9.62 -20.07 8.40
CA THR B 23 -9.65 -19.54 7.03
C THR B 23 -10.81 -20.14 6.24
N GLN B 24 -11.02 -21.45 6.41
CA GLN B 24 -12.20 -22.12 5.88
C GLN B 24 -13.48 -21.34 6.20
N LYS B 25 -13.59 -20.96 7.48
CA LYS B 25 -14.77 -20.26 7.93
C LYS B 25 -14.89 -18.89 7.29
N TYR B 26 -13.80 -18.12 7.31
CA TYR B 26 -13.83 -16.82 6.65
C TYR B 26 -14.36 -16.94 5.24
N PHE B 27 -13.80 -17.90 4.53
CA PHE B 27 -14.21 -18.14 3.15
C PHE B 27 -15.65 -18.56 2.99
N GLU B 28 -16.14 -19.37 3.94
CA GLU B 28 -17.53 -19.80 3.86
C GLU B 28 -18.45 -18.60 4.00
N ILE B 29 -18.04 -17.77 4.96
CA ILE B 29 -18.78 -16.52 5.17
C ILE B 29 -18.72 -15.64 3.93
N CYS B 30 -17.56 -15.48 3.31
CA CYS B 30 -17.49 -14.69 2.09
C CYS B 30 -18.48 -15.19 1.04
N GLN B 31 -18.42 -16.50 0.80
CA GLN B 31 -19.26 -17.14 -0.19
C GLN B 31 -20.72 -16.81 0.07
N GLU B 32 -21.00 -16.78 1.37
CA GLU B 32 -22.42 -16.67 1.77
C GLU B 32 -22.92 -15.25 1.66
N LYS B 33 -22.06 -14.29 1.99
CA LYS B 33 -22.38 -12.87 1.98
C LYS B 33 -22.10 -12.22 0.63
N LEU B 34 -21.06 -12.67 -0.06
CA LEU B 34 -20.58 -12.14 -1.32
C LEU B 34 -20.95 -12.94 -2.56
N GLY B 35 -21.34 -14.19 -2.39
CA GLY B 35 -21.64 -15.06 -3.53
C GLY B 35 -20.38 -15.60 -4.17
N MSE B 36 -19.24 -15.37 -3.52
CA MSE B 36 -17.97 -15.80 -4.05
C MSE B 36 -16.89 -15.60 -2.99
O MSE B 36 -17.11 -14.91 -2.00
CB MSE B 36 -17.55 -15.00 -5.30
CG MSE B 36 -17.31 -13.52 -4.97
SE MSE B 36 -16.57 -12.54 -6.45
CE MSE B 36 -18.20 -12.50 -7.43
N VAL B 37 -15.73 -16.21 -3.25
CA VAL B 37 -14.54 -15.94 -2.43
C VAL B 37 -13.59 -15.13 -3.28
N PRO B 38 -13.47 -13.83 -3.03
CA PRO B 38 -12.58 -13.02 -3.87
C PRO B 38 -11.17 -13.60 -3.93
N ASN B 39 -10.67 -13.61 -5.16
CA ASN B 39 -9.36 -14.23 -5.42
C ASN B 39 -8.20 -13.60 -4.67
N VAL B 40 -8.28 -12.32 -4.33
CA VAL B 40 -7.17 -11.74 -3.57
C VAL B 40 -6.98 -12.45 -2.24
N LEU B 41 -8.12 -12.84 -1.68
CA LEU B 41 -8.03 -13.58 -0.42
C LEU B 41 -7.37 -14.94 -0.56
N LYS B 42 -7.68 -15.68 -1.62
CA LYS B 42 -7.02 -16.97 -1.85
C LYS B 42 -5.53 -16.81 -2.05
N ALA B 43 -5.11 -15.67 -2.61
CA ALA B 43 -3.68 -15.44 -2.81
C ALA B 43 -2.95 -15.22 -1.50
N TYR B 44 -3.59 -14.59 -0.52
CA TYR B 44 -2.91 -14.34 0.76
C TYR B 44 -3.05 -15.54 1.69
N ALA B 45 -4.07 -16.34 1.39
CA ALA B 45 -4.45 -17.45 2.26
C ALA B 45 -3.42 -18.56 2.38
N PHE B 46 -2.28 -18.52 1.69
CA PHE B 46 -1.24 -19.51 1.99
C PHE B 46 -0.64 -19.29 3.38
N ASN B 47 -0.89 -18.10 3.92
CA ASN B 47 -0.35 -17.73 5.22
C ASN B 47 -1.39 -16.94 6.01
N VAL B 48 -1.93 -17.54 7.06
CA VAL B 48 -3.06 -16.91 7.74
CA VAL B 48 -3.07 -16.89 7.71
C VAL B 48 -2.68 -15.55 8.32
N GLU B 49 -1.43 -15.36 8.70
CA GLU B 49 -1.05 -14.09 9.34
C GLU B 49 -1.04 -12.96 8.33
N LYS B 50 -0.65 -13.31 7.11
CA LYS B 50 -0.63 -12.34 6.02
C LYS B 50 -2.06 -12.03 5.61
N LEU B 51 -2.86 -13.10 5.57
CA LEU B 51 -4.28 -12.90 5.27
C LEU B 51 -4.96 -12.05 6.32
N ASN B 52 -4.68 -12.35 7.58
CA ASN B 52 -5.19 -11.55 8.70
C ASN B 52 -4.83 -10.09 8.59
N ALA B 53 -3.57 -9.82 8.22
CA ALA B 53 -3.11 -8.42 8.19
C ALA B 53 -3.75 -7.69 7.03
N PHE B 54 -3.92 -8.41 5.91
CA PHE B 54 -4.53 -7.82 4.72
C PHE B 54 -5.99 -7.49 5.02
N THR B 55 -6.70 -8.52 5.50
CA THR B 55 -8.14 -8.29 5.71
C THR B 55 -8.43 -7.24 6.77
N ALA B 56 -7.67 -7.25 7.84
CA ALA B 56 -7.90 -6.20 8.85
C ALA B 56 -7.78 -4.82 8.25
N MSE B 57 -6.77 -4.61 7.41
CA MSE B 57 -6.59 -3.29 6.85
C MSE B 57 -7.68 -3.00 5.81
O MSE B 57 -8.23 -1.91 5.84
CB MSE B 57 -5.20 -3.14 6.22
CG MSE B 57 -5.00 -1.73 5.63
SE MSE B 57 -3.21 -1.46 4.95
CE MSE B 57 -2.55 -1.17 6.75
N TYR B 58 -7.94 -3.96 4.92
CA TYR B 58 -8.98 -3.81 3.93
C TYR B 58 -10.27 -3.37 4.65
N ASN B 59 -10.67 -4.18 5.63
CA ASN B 59 -11.98 -3.99 6.25
C ASN B 59 -12.06 -2.67 6.98
N ASP B 60 -10.99 -2.28 7.68
CA ASP B 60 -11.03 -0.98 8.35
C ASP B 60 -11.20 0.16 7.36
N LEU B 61 -10.42 0.10 6.28
CA LEU B 61 -10.45 1.23 5.36
C LEU B 61 -11.71 1.32 4.53
N MSE B 62 -12.21 0.17 4.08
CA MSE B 62 -13.31 0.19 3.13
C MSE B 62 -14.67 0.07 3.79
O MSE B 62 -15.69 0.55 3.27
CB MSE B 62 -13.17 -1.00 2.16
CG MSE B 62 -11.90 -0.92 1.31
SE MSE B 62 -11.63 0.76 0.42
CE MSE B 62 -12.79 0.31 -1.02
N LEU B 63 -14.69 -0.61 4.92
CA LEU B 63 -15.95 -0.87 5.60
C LEU B 63 -16.05 -0.26 6.98
N GLY B 64 -14.91 0.11 7.55
CA GLY B 64 -14.92 0.73 8.87
C GLY B 64 -15.50 2.14 8.85
N GLU B 65 -15.68 2.67 10.07
CA GLU B 65 -16.24 3.99 10.21
C GLU B 65 -15.45 5.00 9.37
N SER B 66 -16.24 5.86 8.73
CA SER B 66 -15.70 6.98 7.99
C SER B 66 -16.81 7.98 7.64
N GLN B 67 -16.53 9.25 7.43
CA GLN B 67 -17.56 10.11 6.87
C GLN B 67 -17.69 10.02 5.36
N LEU B 68 -16.71 9.44 4.68
CA LEU B 68 -16.80 8.90 3.35
C LEU B 68 -17.73 7.69 3.35
N SER B 69 -18.67 7.68 2.41
CA SER B 69 -19.49 6.50 2.21
C SER B 69 -18.63 5.33 1.73
N LYS B 70 -19.21 4.13 1.87
CA LYS B 70 -18.63 2.96 1.25
C LYS B 70 -18.43 3.17 -0.25
N LEU B 71 -19.44 3.71 -0.94
CA LEU B 71 -19.36 3.98 -2.37
C LEU B 71 -18.23 4.91 -2.69
N GLU B 72 -18.09 5.98 -1.92
CA GLU B 72 -17.04 6.94 -2.19
C GLU B 72 -15.66 6.31 -2.14
N ARG B 73 -15.44 5.43 -1.17
CA ARG B 73 -14.15 4.73 -1.08
C ARG B 73 -13.95 3.80 -2.27
N GLU B 74 -15.03 3.15 -2.72
CA GLU B 74 -14.87 2.29 -3.90
C GLU B 74 -14.61 3.14 -5.13
N MSE B 75 -15.22 4.32 -5.23
CA MSE B 75 -14.93 5.23 -6.34
C MSE B 75 -13.44 5.56 -6.38
O MSE B 75 -12.78 5.58 -7.41
CB MSE B 75 -15.80 6.48 -6.22
CG MSE B 75 -17.28 6.19 -6.41
SE MSE B 75 -18.42 7.70 -6.00
CE MSE B 75 -17.77 8.71 -7.49
N ILE B 76 -12.90 5.82 -5.21
CA ILE B 76 -11.48 6.14 -5.09
C ILE B 76 -10.66 4.96 -5.61
N ALA B 77 -11.08 3.78 -5.16
CA ALA B 77 -10.41 2.55 -5.54
C ALA B 77 -10.36 2.43 -7.06
N VAL B 78 -11.53 2.70 -7.67
CA VAL B 78 -11.53 2.54 -9.14
C VAL B 78 -10.68 3.55 -9.86
N VAL B 79 -10.67 4.79 -9.36
CA VAL B 79 -9.90 5.82 -10.05
C VAL B 79 -8.41 5.51 -9.94
N VAL B 80 -7.97 5.11 -8.74
CA VAL B 80 -6.56 4.71 -8.57
C VAL B 80 -6.22 3.57 -9.54
N SER B 81 -7.04 2.52 -9.58
CA SER B 81 -6.82 1.36 -10.43
C SER B 81 -6.81 1.65 -11.92
N SER B 82 -7.64 2.61 -12.31
CA SER B 82 -7.67 3.01 -13.71
C SER B 82 -6.33 3.62 -14.10
N ILE B 83 -5.81 4.48 -13.21
CA ILE B 83 -4.56 5.15 -13.53
C ILE B 83 -3.41 4.15 -13.57
N ASN B 84 -3.49 3.19 -12.65
CA ASN B 84 -2.45 2.16 -12.65
C ASN B 84 -2.73 1.00 -13.61
N LYS B 85 -3.88 1.00 -14.25
CA LYS B 85 -4.24 -0.03 -15.23
C LYS B 85 -4.18 -1.43 -14.62
N CYS B 86 -4.77 -1.53 -13.43
CA CYS B 86 -4.85 -2.77 -12.69
C CYS B 86 -6.10 -3.57 -13.03
N PHE B 87 -5.96 -4.65 -13.81
CA PHE B 87 -7.11 -5.44 -14.24
C PHE B 87 -7.92 -6.03 -13.06
N TYR B 88 -7.24 -6.68 -12.12
CA TYR B 88 -7.94 -7.25 -10.98
C TYR B 88 -8.83 -6.19 -10.32
N CYS B 89 -8.22 -5.07 -9.98
CA CYS B 89 -8.92 -4.08 -9.13
C CYS B 89 -10.00 -3.38 -9.93
N LEU B 90 -9.74 -3.16 -11.24
CA LEU B 90 -10.75 -2.52 -12.07
C LEU B 90 -11.99 -3.39 -12.21
N VAL B 91 -11.76 -4.70 -12.23
CA VAL B 91 -12.91 -5.60 -12.35
C VAL B 91 -13.68 -5.67 -11.05
N ALA B 92 -12.98 -5.92 -9.96
CA ALA B 92 -13.62 -6.13 -8.66
C ALA B 92 -14.23 -4.85 -8.13
N HIS B 93 -13.47 -3.75 -8.23
CA HIS B 93 -13.96 -2.51 -7.64
C HIS B 93 -14.89 -1.77 -8.56
N GLY B 94 -14.70 -1.97 -9.87
CA GLY B 94 -15.70 -1.51 -10.81
C GLY B 94 -17.05 -2.11 -10.50
N ALA B 95 -17.05 -3.44 -10.24
CA ALA B 95 -18.29 -4.12 -9.88
C ALA B 95 -18.87 -3.52 -8.60
N ALA B 96 -18.03 -3.23 -7.61
CA ALA B 96 -18.52 -2.61 -6.38
C ALA B 96 -19.21 -1.27 -6.63
N VAL B 97 -18.57 -0.41 -7.43
CA VAL B 97 -19.24 0.87 -7.73
C VAL B 97 -20.58 0.65 -8.42
N ARG B 98 -20.65 -0.26 -9.41
CA ARG B 98 -21.91 -0.55 -10.08
C ARG B 98 -22.94 -1.03 -9.05
N GLN B 99 -22.51 -1.88 -8.11
CA GLN B 99 -23.41 -2.40 -7.11
C GLN B 99 -23.95 -1.36 -6.14
N LEU B 100 -23.01 -0.64 -5.53
CA LEU B 100 -23.41 0.32 -4.49
C LEU B 100 -24.16 1.52 -5.07
N SER B 101 -23.87 1.88 -6.33
CA SER B 101 -24.54 3.07 -6.85
C SER B 101 -25.82 2.75 -7.61
N GLY B 102 -26.00 1.49 -7.97
CA GLY B 102 -27.10 1.03 -8.80
C GLY B 102 -27.10 1.69 -10.17
N ASP B 103 -25.91 2.07 -10.64
CA ASP B 103 -25.65 2.85 -11.83
C ASP B 103 -24.42 2.28 -12.58
N PRO B 104 -24.74 1.38 -13.51
CA PRO B 104 -23.71 0.71 -14.31
C PRO B 104 -22.79 1.68 -15.03
N GLN B 105 -23.36 2.75 -15.57
CA GLN B 105 -22.53 3.72 -16.29
C GLN B 105 -21.53 4.43 -15.42
N LEU B 106 -21.87 4.66 -14.14
CA LEU B 106 -20.93 5.30 -13.23
C LEU B 106 -19.67 4.45 -13.09
N GLY B 107 -19.87 3.15 -12.96
CA GLY B 107 -18.72 2.24 -12.86
C GLY B 107 -17.85 2.38 -14.09
N GLU B 108 -18.49 2.44 -15.25
CA GLU B 108 -17.76 2.44 -16.51
C GLU B 108 -16.99 3.72 -16.67
N MSE B 109 -17.69 4.81 -16.29
CA MSE B 109 -16.99 6.09 -16.37
C MSE B 109 -15.75 6.14 -15.51
O MSE B 109 -14.72 6.68 -15.92
CB MSE B 109 -17.99 7.19 -15.97
CG MSE B 109 -19.11 7.40 -16.99
SE MSE B 109 -20.37 8.65 -16.20
CE MSE B 109 -20.91 9.33 -17.89
N LEU B 110 -15.78 5.61 -14.29
CA LEU B 110 -14.63 5.69 -13.40
C LEU B 110 -13.53 4.71 -13.81
N VAL B 111 -13.96 3.58 -14.37
CA VAL B 111 -12.97 2.69 -14.95
C VAL B 111 -12.19 3.35 -16.09
N MSE B 112 -12.84 4.11 -16.96
CA MSE B 112 -12.35 4.56 -18.23
C MSE B 112 -11.77 5.96 -18.24
O MSE B 112 -10.64 6.21 -18.69
CB MSE B 112 -13.48 4.53 -19.27
CG MSE B 112 -13.91 3.10 -19.57
SE MSE B 112 -15.52 3.08 -20.61
CE MSE B 112 -15.58 1.17 -20.82
N ASN B 113 -12.57 6.89 -17.74
CA ASN B 113 -12.03 8.26 -17.58
C ASN B 113 -12.90 9.02 -16.59
N TYR B 114 -12.51 9.04 -15.32
CA TYR B 114 -13.40 9.59 -14.30
C TYR B 114 -13.82 11.03 -14.57
N ARG B 115 -13.02 11.73 -15.36
CA ARG B 115 -13.29 13.14 -15.58
C ARG B 115 -14.62 13.35 -16.28
N VAL B 116 -15.14 12.36 -16.99
CA VAL B 116 -16.37 12.57 -17.71
C VAL B 116 -17.60 12.44 -16.80
N ALA B 117 -17.39 11.97 -15.58
CA ALA B 117 -18.53 11.70 -14.72
C ALA B 117 -19.13 13.02 -14.23
N PRO B 118 -20.45 13.13 -14.31
CA PRO B 118 -21.08 14.36 -13.81
C PRO B 118 -21.25 14.33 -12.30
N LEU B 119 -20.14 14.47 -11.59
CA LEU B 119 -20.15 14.37 -10.15
C LEU B 119 -20.35 15.72 -9.49
N ASP B 120 -20.84 15.64 -8.26
CA ASP B 120 -20.80 16.93 -7.54
C ASP B 120 -19.35 17.27 -7.22
N ALA B 121 -19.05 18.53 -6.91
CA ALA B 121 -17.66 18.93 -6.72
C ALA B 121 -16.98 18.24 -5.54
N ARG B 122 -17.72 17.95 -4.48
CA ARG B 122 -17.15 17.19 -3.37
C ARG B 122 -16.48 15.89 -3.83
N GLN B 123 -17.25 15.10 -4.57
CA GLN B 123 -16.75 13.81 -5.04
C GLN B 123 -15.72 14.03 -6.14
N ARG B 124 -15.91 15.06 -6.97
CA ARG B 124 -14.87 15.25 -7.98
C ARG B 124 -13.52 15.63 -7.39
N VAL B 125 -13.52 16.53 -6.41
CA VAL B 125 -12.24 16.93 -5.85
C VAL B 125 -11.61 15.78 -5.06
N MSE B 126 -12.40 14.96 -4.38
CA MSE B 126 -11.89 13.76 -3.74
C MSE B 126 -11.11 12.90 -4.73
O MSE B 126 -9.99 12.45 -4.52
CB MSE B 126 -13.07 13.01 -3.16
CG MSE B 126 -12.77 11.67 -2.52
SE MSE B 126 -14.38 10.78 -1.99
CE MSE B 126 -14.96 10.41 -3.78
N LEU B 127 -11.73 12.67 -5.88
CA LEU B 127 -11.06 11.87 -6.91
C LEU B 127 -9.86 12.55 -7.52
N ASP B 128 -9.91 13.86 -7.74
CA ASP B 128 -8.75 14.60 -8.26
C ASP B 128 -7.55 14.47 -7.34
N PHE B 129 -7.81 14.55 -6.03
CA PHE B 129 -6.77 14.40 -5.02
C PHE B 129 -6.18 12.98 -5.01
N ALA B 130 -7.05 11.96 -5.12
CA ALA B 130 -6.56 10.60 -5.24
C ALA B 130 -5.71 10.45 -6.49
N ALA B 131 -6.17 11.04 -7.61
CA ALA B 131 -5.43 10.94 -8.86
C ALA B 131 -4.04 11.57 -8.71
N LYS B 132 -4.02 12.76 -8.11
CA LYS B 132 -2.76 13.46 -7.90
C LYS B 132 -1.84 12.67 -6.98
N MSE B 133 -2.37 12.07 -5.93
N MSE B 133 -2.35 12.08 -5.89
CA MSE B 133 -1.59 11.21 -5.05
CA MSE B 133 -1.49 11.23 -5.07
C MSE B 133 -1.00 10.01 -5.76
C MSE B 133 -0.90 10.08 -5.89
O MSE B 133 0.09 9.52 -5.45
O MSE B 133 0.27 9.75 -5.74
CB MSE B 133 -2.49 10.70 -3.91
CB MSE B 133 -2.27 10.63 -3.91
CG MSE B 133 -2.89 11.75 -2.89
CG MSE B 133 -2.65 11.57 -2.79
SE MSE B 133 -3.45 10.99 -1.23
SE MSE B 133 -3.87 10.78 -1.50
CE MSE B 133 -5.19 10.59 -1.84
CE MSE B 133 -2.53 9.49 -0.96
N THR B 134 -1.76 9.52 -6.73
CA THR B 134 -1.39 8.31 -7.46
C THR B 134 -0.30 8.65 -8.44
N ARG B 135 -0.44 9.77 -9.15
CA ARG B 135 0.54 10.20 -10.13
CA ARG B 135 0.58 10.15 -10.12
C ARG B 135 1.79 10.89 -9.55
N ALA B 136 1.64 11.62 -8.46
CA ALA B 136 2.66 12.55 -7.99
C ALA B 136 2.44 13.07 -6.58
N SER B 137 2.39 12.11 -5.65
CA SER B 137 2.14 12.46 -4.25
C SER B 137 3.16 13.42 -3.70
N ALA B 138 4.40 13.42 -4.21
CA ALA B 138 5.44 14.33 -3.71
C ALA B 138 5.08 15.79 -3.99
N GLU B 139 4.13 15.97 -4.92
CA GLU B 139 3.75 17.33 -5.30
C GLU B 139 2.51 17.81 -4.57
N ILE B 140 1.92 16.98 -3.72
CA ILE B 140 0.79 17.44 -2.92
C ILE B 140 1.24 18.55 -1.97
N GLU B 141 0.47 19.64 -1.97
CA GLU B 141 0.74 20.78 -1.11
C GLU B 141 -0.45 21.11 -0.20
N GLU B 142 -0.17 21.98 0.74
CA GLU B 142 -1.23 22.46 1.64
C GLU B 142 -2.43 22.97 0.84
N ALA B 143 -2.18 23.60 -0.29
CA ALA B 143 -3.27 24.11 -1.11
C ALA B 143 -4.18 23.00 -1.61
N ASP B 144 -3.62 21.83 -1.88
CA ASP B 144 -4.39 20.70 -2.36
C ASP B 144 -5.34 20.23 -1.26
N ARG B 145 -4.81 20.22 -0.04
CA ARG B 145 -5.64 19.81 1.09
C ARG B 145 -6.74 20.83 1.34
N GLU B 146 -6.42 22.12 1.17
CA GLU B 146 -7.42 23.16 1.41
C GLU B 146 -8.57 23.07 0.42
N VAL B 147 -8.26 22.62 -0.80
CA VAL B 147 -9.32 22.35 -1.76
C VAL B 147 -10.30 21.34 -1.18
N LEU B 148 -9.82 20.24 -0.58
CA LEU B 148 -10.75 19.26 -0.01
C LEU B 148 -11.59 19.90 1.09
N ARG B 149 -10.95 20.72 1.92
CA ARG B 149 -11.69 21.37 3.01
C ARG B 149 -12.78 22.31 2.51
N SER B 150 -12.49 22.95 1.39
CA SER B 150 -13.42 23.90 0.76
C SER B 150 -14.64 23.23 0.16
N HIS B 151 -14.62 21.90 0.07
CA HIS B 151 -15.80 21.14 -0.33
C HIS B 151 -16.35 20.23 0.77
N GLY B 152 -16.03 20.54 2.03
CA GLY B 152 -16.64 19.97 3.20
C GLY B 152 -15.94 18.81 3.85
N PHE B 153 -14.78 18.37 3.38
CA PHE B 153 -13.98 17.36 4.05
C PHE B 153 -13.19 17.92 5.22
N ASN B 154 -13.21 17.20 6.34
CA ASN B 154 -12.33 17.64 7.43
C ASN B 154 -11.04 16.84 7.38
N ASP B 155 -10.17 17.06 8.35
CA ASP B 155 -8.83 16.49 8.27
C ASP B 155 -8.89 14.98 8.49
N ARG B 156 -9.79 14.49 9.32
CA ARG B 156 -9.95 13.04 9.41
C ARG B 156 -10.38 12.49 8.06
N ASP B 157 -11.26 13.23 7.38
CA ASP B 157 -11.70 12.82 6.07
C ASP B 157 -10.53 12.74 5.07
N ILE B 158 -9.66 13.76 5.10
CA ILE B 158 -8.48 13.79 4.22
C ILE B 158 -7.55 12.61 4.48
N TRP B 159 -7.34 12.32 5.76
CA TRP B 159 -6.60 11.14 6.17
C TRP B 159 -7.15 9.86 5.56
N ASP B 160 -8.48 9.71 5.65
CA ASP B 160 -9.16 8.56 5.08
C ASP B 160 -9.00 8.50 3.56
N ILE B 161 -9.19 9.61 2.86
CA ILE B 161 -8.95 9.65 1.42
C ILE B 161 -7.52 9.20 1.14
N ALA B 162 -6.56 9.75 1.87
CA ALA B 162 -5.14 9.44 1.68
C ALA B 162 -4.89 7.96 1.92
N ASN B 163 -5.48 7.40 2.96
CA ASN B 163 -5.19 5.97 3.21
C ASN B 163 -5.86 5.05 2.21
N VAL B 164 -7.09 5.35 1.81
CA VAL B 164 -7.74 4.48 0.82
C VAL B 164 -6.96 4.55 -0.48
N THR B 165 -6.55 5.78 -0.85
CA THR B 165 -5.78 5.93 -2.08
C THR B 165 -4.43 5.22 -2.00
N GLY B 166 -3.73 5.34 -0.87
CA GLY B 166 -2.41 4.68 -0.81
C GLY B 166 -2.65 3.17 -0.85
N PHE B 167 -3.70 2.68 -0.19
CA PHE B 167 -3.94 1.24 -0.14
C PHE B 167 -4.08 0.68 -1.55
N PHE B 168 -4.83 1.32 -2.45
CA PHE B 168 -4.99 0.78 -3.79
C PHE B 168 -3.71 0.98 -4.58
N ASN B 169 -2.88 1.94 -4.18
CA ASN B 169 -1.56 2.00 -4.85
C ASN B 169 -0.72 0.78 -4.47
N MSE B 170 -0.98 0.16 -3.33
CA MSE B 170 -0.29 -1.07 -2.95
C MSE B 170 -0.94 -2.24 -3.68
O MSE B 170 -0.28 -2.98 -4.39
CB MSE B 170 -0.27 -1.34 -1.46
CG MSE B 170 -0.08 -2.77 -0.98
SE MSE B 170 -0.10 -2.95 0.94
CE MSE B 170 -2.01 -2.81 1.01
N THR B 171 -2.25 -2.39 -3.50
CA THR B 171 -2.89 -3.60 -3.99
C THR B 171 -2.89 -3.65 -5.51
N ASN B 172 -2.94 -2.52 -6.23
CA ASN B 172 -2.77 -2.59 -7.68
C ASN B 172 -1.43 -3.18 -8.07
N ARG B 173 -0.40 -2.79 -7.32
CA ARG B 173 0.94 -3.20 -7.68
C ARG B 173 1.13 -4.68 -7.42
N VAL B 174 0.61 -5.13 -6.27
CA VAL B 174 0.68 -6.55 -5.96
C VAL B 174 -0.08 -7.36 -7.00
N ALA B 175 -1.27 -6.85 -7.37
CA ALA B 175 -2.11 -7.62 -8.26
C ALA B 175 -1.43 -7.74 -9.61
N SER B 176 -0.96 -6.59 -10.08
CA SER B 176 -0.39 -6.53 -11.41
C SER B 176 0.92 -7.27 -11.44
N ALA B 177 1.75 -7.10 -10.41
CA ALA B 177 3.05 -7.76 -10.47
C ALA B 177 2.96 -9.27 -10.40
N THR B 178 1.89 -9.80 -9.83
CA THR B 178 1.71 -11.23 -9.71
C THR B 178 0.72 -11.84 -10.68
N ALA B 179 0.17 -11.06 -11.60
CA ALA B 179 -0.84 -11.48 -12.56
C ALA B 179 -2.06 -12.11 -11.86
N MSE B 180 -2.51 -11.44 -10.83
CA MSE B 180 -3.70 -11.79 -10.06
C MSE B 180 -4.94 -11.68 -10.92
O MSE B 180 -5.22 -10.69 -11.58
CB MSE B 180 -3.80 -10.88 -8.83
CG MSE B 180 -4.80 -11.41 -7.80
SE MSE B 180 -4.95 -10.25 -6.28
CE MSE B 180 -3.24 -10.68 -5.52
N MSE B 181 -5.75 -12.74 -10.89
N MSE B 181 -5.75 -12.74 -10.91
CA MSE B 181 -6.92 -12.76 -11.76
CA MSE B 181 -6.95 -12.80 -11.74
C MSE B 181 -8.21 -12.58 -10.98
C MSE B 181 -8.23 -12.57 -10.95
O MSE B 181 -8.49 -13.29 -10.02
O MSE B 181 -8.50 -13.24 -9.95
CB MSE B 181 -6.95 -14.10 -12.52
CB MSE B 181 -7.07 -14.15 -12.45
CG MSE B 181 -5.89 -14.21 -13.61
CG MSE B 181 -6.11 -14.30 -13.61
SE MSE B 181 -6.05 -12.91 -15.03
SE MSE B 181 -6.80 -13.34 -15.15
CE MSE B 181 -7.78 -13.64 -15.57
CE MSE B 181 -5.50 -11.92 -14.90
N PRO B 182 -9.03 -11.61 -11.41
CA PRO B 182 -10.31 -11.44 -10.75
C PRO B 182 -11.28 -12.58 -11.08
N ASN B 183 -12.15 -12.86 -10.12
CA ASN B 183 -13.17 -13.87 -10.28
C ASN B 183 -14.01 -13.56 -11.51
N ALA B 184 -14.28 -14.55 -12.32
CA ALA B 184 -14.99 -14.30 -13.58
C ALA B 184 -16.42 -13.84 -13.36
N GLU B 185 -17.02 -14.15 -12.21
CA GLU B 185 -18.38 -13.76 -11.92
C GLU B 185 -18.52 -12.23 -11.98
N TYR B 186 -17.50 -11.50 -11.59
CA TYR B 186 -17.63 -10.04 -11.52
C TYR B 186 -18.10 -9.36 -12.80
N HIS B 187 -17.61 -9.85 -13.95
CA HIS B 187 -17.72 -9.10 -15.19
C HIS B 187 -19.17 -8.81 -15.56
N GLY B 188 -20.04 -9.78 -15.28
CA GLY B 188 -21.41 -9.66 -15.74
C GLY B 188 -22.39 -9.15 -14.70
N GLN B 189 -21.86 -8.86 -13.53
CA GLN B 189 -22.68 -8.37 -12.42
C GLN B 189 -22.99 -6.89 -12.45
N PHE B 190 -24.19 -6.55 -11.98
CA PHE B 190 -24.63 -5.17 -11.83
C PHE B 190 -24.50 -4.40 -13.13
N ARG B 191 -24.99 -5.03 -14.20
CA ARG B 191 -24.95 -4.40 -15.50
C ARG B 191 -26.32 -3.88 -15.93
C ACT C . 22.31 -15.66 -8.56
O ACT C . 22.53 -14.51 -8.93
OXT ACT C . 21.86 -16.50 -9.31
CH3 ACT C . 22.60 -16.04 -7.15
O1 PG4 D . -2.78 -2.23 21.13
C1 PG4 D . -1.91 -1.12 21.41
C2 PG4 D . -1.28 -0.65 20.10
O2 PG4 D . -0.66 -1.78 19.46
C3 PG4 D . 0.17 -1.34 18.37
C4 PG4 D . 0.88 -2.56 17.78
O3 PG4 D . -0.07 -3.58 17.46
C5 PG4 D . 0.56 -4.55 16.62
C6 PG4 D . -0.46 -5.42 15.92
O4 PG4 D . -1.55 -5.78 16.75
C7 PG4 D . -2.51 -6.57 16.05
C8 PG4 D . -3.87 -6.45 16.45
O5 PG4 D . -4.28 -6.02 17.61
C ACT E . -5.86 1.60 8.72
O ACT E . -6.75 0.72 8.66
OXT ACT E . -6.26 2.77 8.89
CH3 ACT E . -4.40 1.26 8.60
CL CL F . -25.48 -1.14 -11.28
#